data_6YR8
#
_entry.id   6YR8
#
_cell.length_a   71.574
_cell.length_b   71.574
_cell.length_c   144.390
_cell.angle_alpha   90.000
_cell.angle_beta   90.000
_cell.angle_gamma   90.000
#
_symmetry.space_group_name_H-M   'I 41'
#
loop_
_entity.id
_entity.type
_entity.pdbx_description
1 polymer 'GTPase KRas'
2 polymer 'Affimer K6'
3 non-polymer "GUANOSINE-5'-DIPHOSPHATE"
4 non-polymer 'MAGNESIUM ION'
5 water water
#
loop_
_entity_poly.entity_id
_entity_poly.type
_entity_poly.pdbx_seq_one_letter_code
_entity_poly.pdbx_strand_id
1 'polypeptide(L)'
;GSHMTEYKLVVVGAGGVGKSALTIQLIQNHFVDEYDPTIEDSYRKQVVIDGETCLLDILDTAGQEEYSAMRDQYMRTGEG
FLCVFAINNTKSFEDIHHYREQIKRVKDSEDVPMVLVGNKCDLPSRTVDTKQAQDLARSYGIPFIETSAKTRQGVDDAFY
TLVREIRKH
;
A
2 'polypeptide(L)'
;MASNSLEIEELARFAVDEHNKKENALLEFVRVVKAKEQHFTPWFQRNTMYYLTLEAKDGGKKKLYEAKVWVKRIMVTDKM
RNFKELQEFKPVGDAAAAHHHHHHHH
;
B
#
loop_
_chem_comp.id
_chem_comp.type
_chem_comp.name
_chem_comp.formula
GDP RNA linking GUANOSINE-5'-DIPHOSPHATE 'C10 H15 N5 O11 P2'
MG non-polymer 'MAGNESIUM ION' 'Mg 2'
#
# COMPACT_ATOMS: atom_id res chain seq x y z
N SER A 2 -28.84 4.92 -11.01
CA SER A 2 -28.87 4.26 -9.66
C SER A 2 -28.02 5.09 -8.70
N HIS A 3 -28.56 5.37 -7.50
CA HIS A 3 -27.86 6.05 -6.42
C HIS A 3 -26.73 5.18 -5.86
N MET A 4 -25.58 5.79 -5.58
CA MET A 4 -24.43 5.13 -4.95
C MET A 4 -23.77 6.16 -4.04
N THR A 5 -23.14 5.66 -2.97
CA THR A 5 -22.36 6.50 -2.09
C THR A 5 -20.91 6.03 -2.06
N GLU A 6 -19.98 6.97 -2.25
CA GLU A 6 -18.57 6.68 -2.26
C GLU A 6 -17.99 6.98 -0.88
N TYR A 7 -17.11 6.09 -0.42
CA TYR A 7 -16.39 6.18 0.88
C TYR A 7 -14.88 6.08 0.64
N LYS A 8 -14.12 6.94 1.33
CA LYS A 8 -12.67 6.99 1.24
C LYS A 8 -12.07 6.34 2.49
N LEU A 9 -11.48 5.16 2.33
CA LEU A 9 -10.99 4.37 3.46
C LEU A 9 -9.48 4.21 3.33
N VAL A 10 -8.77 4.32 4.47
CA VAL A 10 -7.30 4.22 4.54
C VAL A 10 -6.94 3.07 5.51
N VAL A 11 -6.08 2.17 5.04
CA VAL A 11 -5.59 1.05 5.84
C VAL A 11 -4.19 1.40 6.38
N VAL A 12 -4.05 1.43 7.71
CA VAL A 12 -2.77 1.81 8.32
C VAL A 12 -2.39 0.76 9.35
N GLY A 13 -1.09 0.73 9.66
CA GLY A 13 -0.48 -0.19 10.61
C GLY A 13 0.99 -0.37 10.30
N ALA A 14 1.72 -0.93 11.28
CA ALA A 14 3.14 -1.27 11.12
C ALA A 14 3.32 -2.23 9.94
N GLY A 15 4.51 -2.16 9.33
CA GLY A 15 4.95 -3.09 8.30
C GLY A 15 4.74 -4.52 8.75
N GLY A 16 4.16 -5.34 7.87
CA GLY A 16 4.07 -6.78 8.06
C GLY A 16 2.82 -7.22 8.79
N VAL A 17 1.93 -6.30 9.18
CA VAL A 17 0.71 -6.71 9.94
C VAL A 17 -0.33 -7.34 9.01
N GLY A 18 -0.27 -7.01 7.71
CA GLY A 18 -1.14 -7.63 6.71
C GLY A 18 -2.10 -6.67 6.03
N LYS A 19 -1.70 -5.39 5.92
CA LYS A 19 -2.49 -4.34 5.28
C LYS A 19 -2.76 -4.72 3.83
N SER A 20 -1.70 -5.08 3.10
CA SER A 20 -1.81 -5.38 1.68
C SER A 20 -2.69 -6.62 1.50
N ALA A 21 -2.40 -7.63 2.32
CA ALA A 21 -3.09 -8.91 2.26
C ALA A 21 -4.59 -8.72 2.53
N LEU A 22 -4.96 -7.87 3.49
CA LEU A 22 -6.41 -7.72 3.82
C LEU A 22 -7.14 -7.09 2.63
N THR A 23 -6.56 -6.01 2.11
CA THR A 23 -7.16 -5.27 1.04
C THR A 23 -7.32 -6.16 -0.19
N ILE A 24 -6.27 -6.88 -0.55
CA ILE A 24 -6.30 -7.71 -1.74
C ILE A 24 -7.25 -8.89 -1.54
N GLN A 25 -7.40 -9.39 -0.30
CA GLN A 25 -8.42 -10.40 0.03
C GLN A 25 -9.82 -9.86 -0.33
N LEU A 26 -10.11 -8.67 0.19
CA LEU A 26 -11.40 -8.02 -0.04
C LEU A 26 -11.64 -7.85 -1.54
N ILE A 27 -10.64 -7.32 -2.23
CA ILE A 27 -10.80 -6.93 -3.62
C ILE A 27 -10.76 -8.17 -4.52
N GLN A 28 -9.83 -9.10 -4.27
CA GLN A 28 -9.48 -10.12 -5.26
C GLN A 28 -9.89 -11.51 -4.80
N ASN A 29 -10.32 -11.65 -3.54
CA ASN A 29 -10.82 -12.90 -2.97
C ASN A 29 -9.73 -13.97 -3.00
N HIS A 30 -8.49 -13.60 -2.62
CA HIS A 30 -7.44 -14.59 -2.36
C HIS A 30 -6.28 -13.98 -1.58
N PHE A 31 -5.46 -14.86 -0.99
CA PHE A 31 -4.40 -14.50 -0.07
C PHE A 31 -3.09 -14.27 -0.84
N VAL A 32 -2.56 -13.05 -0.77
CA VAL A 32 -1.28 -12.69 -1.39
C VAL A 32 -0.25 -12.64 -0.27
N ASP A 33 0.59 -13.69 -0.20
CA ASP A 33 1.53 -13.89 0.90
C ASP A 33 2.88 -13.22 0.60
N GLU A 34 3.05 -12.73 -0.63
CA GLU A 34 4.19 -11.89 -1.01
C GLU A 34 3.68 -10.74 -1.87
N TYR A 35 3.61 -9.54 -1.27
CA TYR A 35 3.34 -8.31 -1.97
C TYR A 35 4.35 -7.27 -1.49
N ASP A 36 4.96 -6.56 -2.43
CA ASP A 36 6.00 -5.60 -2.16
C ASP A 36 5.65 -4.84 -0.88
N PRO A 37 6.51 -4.90 0.16
CA PRO A 37 6.25 -4.22 1.43
C PRO A 37 6.33 -2.68 1.47
N THR A 38 6.78 -2.04 0.37
CA THR A 38 6.85 -0.55 0.30
C THR A 38 5.91 0.03 -0.77
N ILE A 39 5.15 -0.79 -1.49
CA ILE A 39 4.30 -0.26 -2.56
C ILE A 39 2.92 0.06 -1.98
N GLU A 40 2.47 1.29 -2.27
CA GLU A 40 1.14 1.74 -1.99
C GLU A 40 0.29 1.69 -3.26
N ASP A 41 -1.01 1.40 -3.07
CA ASP A 41 -1.99 1.45 -4.13
C ASP A 41 -3.40 1.75 -3.56
N SER A 42 -4.28 2.20 -4.45
CA SER A 42 -5.69 2.39 -4.10
C SER A 42 -6.49 1.44 -4.96
N TYR A 43 -7.65 1.04 -4.43
CA TYR A 43 -8.54 0.05 -4.99
C TYR A 43 -9.97 0.60 -4.93
N ARG A 44 -10.83 0.10 -5.80
CA ARG A 44 -12.22 0.48 -5.80
C ARG A 44 -13.06 -0.79 -5.78
N LYS A 45 -13.96 -0.90 -4.80
CA LYS A 45 -14.86 -2.04 -4.76
C LYS A 45 -16.29 -1.53 -4.61
N GLN A 46 -17.18 -2.03 -5.48
CA GLN A 46 -18.58 -1.75 -5.36
C GLN A 46 -19.23 -2.84 -4.51
N VAL A 47 -19.92 -2.46 -3.43
CA VAL A 47 -20.51 -3.46 -2.52
C VAL A 47 -21.79 -2.90 -1.91
N VAL A 48 -22.71 -3.78 -1.58
CA VAL A 48 -23.93 -3.40 -0.89
C VAL A 48 -23.71 -3.61 0.61
N ILE A 49 -23.85 -2.52 1.38
CA ILE A 49 -23.75 -2.54 2.87
C ILE A 49 -25.04 -1.95 3.46
N ASP A 50 -25.83 -2.79 4.14
CA ASP A 50 -27.12 -2.40 4.75
C ASP A 50 -28.02 -1.79 3.67
N GLY A 51 -27.95 -2.36 2.46
CA GLY A 51 -28.89 -2.00 1.38
C GLY A 51 -28.46 -0.80 0.55
N GLU A 52 -27.41 -0.12 1.00
CA GLU A 52 -26.79 0.97 0.26
C GLU A 52 -25.71 0.41 -0.70
N THR A 53 -25.81 0.79 -1.99
CA THR A 53 -24.77 0.52 -2.96
C THR A 53 -23.61 1.48 -2.73
N CYS A 54 -22.48 0.92 -2.28
CA CYS A 54 -21.30 1.70 -1.86
C CYS A 54 -20.15 1.49 -2.87
N LEU A 55 -19.40 2.56 -3.13
CA LEU A 55 -18.11 2.50 -3.78
C LEU A 55 -17.01 2.74 -2.75
N LEU A 56 -16.23 1.71 -2.42
CA LEU A 56 -15.15 1.92 -1.46
C LEU A 56 -13.88 2.16 -2.23
N ASP A 57 -13.30 3.35 -2.01
CA ASP A 57 -12.01 3.72 -2.48
C ASP A 57 -11.07 3.57 -1.30
N ILE A 58 -10.29 2.49 -1.36
CA ILE A 58 -9.46 2.01 -0.26
C ILE A 58 -8.01 2.27 -0.62
N LEU A 59 -7.30 2.99 0.26
CA LEU A 59 -5.91 3.23 0.09
C LEU A 59 -5.10 2.24 0.98
N ASP A 60 -4.22 1.49 0.35
CA ASP A 60 -3.27 0.56 1.07
C ASP A 60 -1.93 1.29 1.27
N THR A 61 -1.70 1.80 2.49
CA THR A 61 -0.49 2.56 2.86
C THR A 61 0.67 1.60 3.18
N ALA A 62 1.89 2.13 3.13
CA ALA A 62 3.13 1.35 3.45
C ALA A 62 4.01 2.11 4.45
N GLY A 63 4.13 3.43 4.29
CA GLY A 63 4.65 4.30 5.36
C GLY A 63 5.50 3.53 6.37
N SER A 68 5.63 12.40 6.45
CA SER A 68 5.65 12.97 5.11
C SER A 68 4.38 13.79 4.87
N ALA A 69 4.53 14.81 4.01
CA ALA A 69 3.44 15.54 3.45
C ALA A 69 2.45 14.57 2.77
N MET A 70 2.97 13.61 2.00
CA MET A 70 2.19 12.57 1.33
C MET A 70 1.19 11.95 2.32
N ARG A 71 1.73 11.48 3.46
CA ARG A 71 0.97 10.73 4.49
C ARG A 71 -0.09 11.64 5.14
N ASP A 72 0.25 12.92 5.30
CA ASP A 72 -0.66 13.91 5.82
C ASP A 72 -1.85 14.07 4.88
N GLN A 73 -1.57 14.15 3.56
CA GLN A 73 -2.59 14.28 2.53
C GLN A 73 -3.52 13.07 2.60
N TYR A 74 -2.95 11.86 2.64
CA TYR A 74 -3.73 10.62 2.76
C TYR A 74 -4.76 10.75 3.89
N MET A 75 -4.33 11.37 5.01
CA MET A 75 -5.16 11.42 6.20
C MET A 75 -6.24 12.51 6.09
N ARG A 76 -5.92 13.66 5.49
CA ARG A 76 -6.94 14.69 5.29
C ARG A 76 -8.07 14.13 4.41
N THR A 77 -7.67 13.42 3.34
CA THR A 77 -8.56 12.90 2.33
C THR A 77 -9.38 11.76 2.91
N GLY A 78 -8.73 10.85 3.65
CA GLY A 78 -9.41 9.70 4.25
C GLY A 78 -10.59 10.09 5.13
N GLU A 79 -11.69 9.32 5.05
CA GLU A 79 -12.88 9.52 5.89
C GLU A 79 -12.91 8.53 7.05
N GLY A 80 -12.36 7.34 6.84
CA GLY A 80 -12.30 6.28 7.82
C GLY A 80 -11.00 5.50 7.71
N PHE A 81 -10.53 5.00 8.86
CA PHE A 81 -9.24 4.42 8.99
C PHE A 81 -9.37 3.04 9.62
N LEU A 82 -8.82 2.04 8.94
CA LEU A 82 -8.62 0.71 9.45
C LEU A 82 -7.22 0.61 10.08
N CYS A 83 -7.18 0.55 11.41
CA CYS A 83 -5.97 0.44 12.21
C CYS A 83 -5.69 -1.04 12.49
N VAL A 84 -4.65 -1.55 11.81
CA VAL A 84 -4.35 -2.98 11.78
C VAL A 84 -3.09 -3.26 12.61
N PHE A 85 -3.19 -4.27 13.48
CA PHE A 85 -2.05 -4.92 14.07
C PHE A 85 -2.20 -6.42 13.80
N ALA A 86 -1.14 -7.16 14.12
CA ALA A 86 -1.10 -8.62 14.04
C ALA A 86 -1.15 -9.18 15.47
N ILE A 87 -1.99 -10.20 15.69
CA ILE A 87 -2.26 -10.73 17.04
C ILE A 87 -0.99 -11.40 17.59
N ASN A 88 -0.03 -11.74 16.72
CA ASN A 88 1.25 -12.36 17.09
C ASN A 88 2.41 -11.34 16.98
N ASN A 89 2.14 -10.06 17.29
CA ASN A 89 3.18 -9.03 17.32
C ASN A 89 2.75 -7.93 18.30
N THR A 90 3.41 -7.86 19.45
CA THR A 90 3.06 -6.94 20.54
C THR A 90 3.32 -5.50 20.15
N LYS A 91 4.46 -5.26 19.46
CA LYS A 91 4.87 -3.90 19.11
C LYS A 91 3.97 -3.35 18.00
N SER A 92 3.42 -4.21 17.15
CA SER A 92 2.43 -3.74 16.13
C SER A 92 1.21 -3.19 16.88
N PHE A 93 0.87 -3.82 18.01
CA PHE A 93 -0.28 -3.43 18.86
C PHE A 93 0.06 -2.16 19.66
N GLU A 94 1.32 -2.04 20.08
CA GLU A 94 1.82 -0.88 20.82
C GLU A 94 1.79 0.37 19.92
N ASP A 95 2.06 0.17 18.62
CA ASP A 95 2.15 1.24 17.61
C ASP A 95 0.81 1.96 17.39
N ILE A 96 -0.31 1.31 17.74
CA ILE A 96 -1.66 1.77 17.37
C ILE A 96 -1.92 3.20 17.89
N HIS A 97 -1.55 3.46 19.15
CA HIS A 97 -1.66 4.82 19.73
C HIS A 97 -1.15 5.85 18.69
N HIS A 98 0.09 5.58 18.20
CA HIS A 98 0.86 6.47 17.30
C HIS A 98 0.03 6.81 16.05
N TYR A 99 -0.55 5.76 15.45
CA TYR A 99 -1.31 5.92 14.23
C TYR A 99 -2.55 6.78 14.52
N ARG A 100 -3.28 6.41 15.58
CA ARG A 100 -4.49 7.10 15.97
C ARG A 100 -4.18 8.56 16.32
N GLU A 101 -3.15 8.77 17.14
CA GLU A 101 -2.72 10.12 17.52
C GLU A 101 -2.47 10.92 16.22
N GLN A 102 -1.70 10.31 15.31
CA GLN A 102 -1.29 10.97 14.07
C GLN A 102 -2.53 11.42 13.25
N ILE A 103 -3.50 10.52 13.12
CA ILE A 103 -4.71 10.82 12.34
C ILE A 103 -5.47 11.96 13.01
N LYS A 104 -5.64 11.87 14.34
CA LYS A 104 -6.33 12.89 15.15
C LYS A 104 -5.60 14.24 15.05
N ARG A 105 -4.26 14.19 15.00
CA ARG A 105 -3.45 15.40 14.84
C ARG A 105 -3.80 16.05 13.49
N VAL A 106 -3.73 15.26 12.41
CA VAL A 106 -3.78 15.80 11.06
C VAL A 106 -5.17 16.31 10.72
N LYS A 107 -6.20 15.53 11.07
CA LYS A 107 -7.56 15.88 10.72
C LYS A 107 -8.08 16.93 11.71
N ASP A 108 -7.44 17.01 12.89
CA ASP A 108 -7.79 17.98 13.91
C ASP A 108 -9.22 17.73 14.39
N SER A 109 -9.48 16.50 14.84
CA SER A 109 -10.79 16.10 15.39
C SER A 109 -10.60 15.00 16.43
N GLU A 110 -11.46 15.02 17.45
CA GLU A 110 -11.48 14.04 18.51
C GLU A 110 -12.26 12.80 18.04
N ASP A 111 -13.16 12.99 17.05
CA ASP A 111 -13.98 11.90 16.51
C ASP A 111 -13.68 11.69 15.02
N VAL A 112 -12.89 10.65 14.74
CA VAL A 112 -12.50 10.25 13.41
C VAL A 112 -12.91 8.79 13.25
N PRO A 113 -13.80 8.45 12.29
CA PRO A 113 -14.19 7.05 12.11
C PRO A 113 -12.97 6.14 11.96
N MET A 114 -12.94 5.08 12.77
CA MET A 114 -11.86 4.09 12.76
C MET A 114 -12.38 2.76 13.28
N VAL A 115 -11.61 1.72 12.96
CA VAL A 115 -11.83 0.38 13.42
C VAL A 115 -10.47 -0.25 13.68
N LEU A 116 -10.36 -0.91 14.84
CA LEU A 116 -9.17 -1.62 15.22
C LEU A 116 -9.27 -3.06 14.70
N VAL A 117 -8.21 -3.52 14.05
CA VAL A 117 -8.17 -4.83 13.43
C VAL A 117 -6.96 -5.59 13.97
N GLY A 118 -7.22 -6.78 14.53
CA GLY A 118 -6.21 -7.77 14.84
C GLY A 118 -6.23 -8.87 13.80
N ASN A 119 -5.21 -8.88 12.95
CA ASN A 119 -5.15 -9.75 11.78
C ASN A 119 -4.31 -10.99 12.14
N LYS A 120 -4.38 -12.01 11.29
CA LYS A 120 -3.60 -13.26 11.39
C LYS A 120 -4.17 -14.16 12.49
N CYS A 121 -5.47 -13.99 12.79
CA CYS A 121 -6.09 -14.72 13.89
C CYS A 121 -6.21 -16.22 13.54
N ASP A 122 -5.86 -16.57 12.30
CA ASP A 122 -5.74 -17.97 11.89
C ASP A 122 -4.55 -18.65 12.58
N LEU A 123 -3.58 -17.88 13.09
CA LEU A 123 -2.32 -18.42 13.57
C LEU A 123 -2.43 -18.90 15.01
N PRO A 124 -1.74 -20.01 15.35
CA PRO A 124 -1.81 -20.61 16.68
C PRO A 124 -1.01 -19.85 17.74
N SER A 125 0.01 -19.11 17.30
CA SER A 125 0.70 -18.15 18.13
C SER A 125 -0.23 -16.94 18.34
N ARG A 126 -0.26 -16.42 19.56
CA ARG A 126 -0.93 -15.17 19.86
C ARG A 126 -0.20 -14.49 21.03
N THR A 127 0.16 -13.22 20.81
CA THR A 127 0.91 -12.41 21.73
C THR A 127 -0.01 -11.38 22.37
N VAL A 128 -1.14 -11.06 21.72
CA VAL A 128 -2.07 -10.02 22.18
C VAL A 128 -3.44 -10.65 22.44
N ASP A 129 -4.01 -10.38 23.62
CA ASP A 129 -5.30 -10.91 24.06
C ASP A 129 -6.44 -10.07 23.48
N THR A 130 -7.52 -10.75 23.11
CA THR A 130 -8.78 -10.13 22.70
C THR A 130 -9.12 -8.96 23.62
N LYS A 131 -9.05 -9.22 24.94
CA LYS A 131 -9.48 -8.30 25.99
C LYS A 131 -8.60 -7.03 26.00
N GLN A 132 -7.29 -7.20 25.80
CA GLN A 132 -6.36 -6.06 25.71
C GLN A 132 -6.78 -5.14 24.57
N ALA A 133 -7.02 -5.75 23.41
CA ALA A 133 -7.45 -5.02 22.21
C ALA A 133 -8.82 -4.38 22.47
N GLN A 134 -9.74 -5.19 23.01
CA GLN A 134 -11.09 -4.73 23.27
C GLN A 134 -11.07 -3.58 24.29
N ASP A 135 -10.09 -3.55 25.20
CA ASP A 135 -9.96 -2.46 26.17
C ASP A 135 -9.55 -1.17 25.46
N LEU A 136 -8.53 -1.29 24.58
CA LEU A 136 -8.02 -0.17 23.78
C LEU A 136 -9.16 0.43 22.95
N ALA A 137 -9.87 -0.44 22.24
CA ALA A 137 -10.98 -0.04 21.36
C ALA A 137 -11.99 0.75 22.19
N ARG A 138 -12.28 0.23 23.40
CA ARG A 138 -13.21 0.83 24.38
C ARG A 138 -12.74 2.24 24.72
N SER A 139 -11.45 2.38 25.08
CA SER A 139 -10.88 3.66 25.49
C SER A 139 -10.98 4.69 24.35
N TYR A 140 -10.81 4.24 23.10
CA TYR A 140 -10.95 5.12 21.94
C TYR A 140 -12.41 5.23 21.49
N GLY A 141 -13.28 4.32 21.95
CA GLY A 141 -14.70 4.30 21.58
C GLY A 141 -14.91 3.90 20.12
N ILE A 142 -14.12 2.94 19.65
CA ILE A 142 -14.22 2.41 18.29
C ILE A 142 -14.43 0.90 18.37
N PRO A 143 -14.90 0.22 17.30
CA PRO A 143 -15.06 -1.23 17.30
C PRO A 143 -13.74 -2.00 17.05
N PHE A 144 -13.73 -3.26 17.47
CA PHE A 144 -12.62 -4.18 17.29
C PHE A 144 -13.11 -5.41 16.54
N ILE A 145 -12.46 -5.73 15.41
CA ILE A 145 -12.65 -6.98 14.68
C ILE A 145 -11.30 -7.68 14.62
N GLU A 146 -11.32 -9.01 14.79
CA GLU A 146 -10.19 -9.86 14.51
C GLU A 146 -10.38 -10.36 13.08
N THR A 147 -9.27 -10.60 12.36
CA THR A 147 -9.38 -11.00 10.96
C THR A 147 -8.25 -11.94 10.57
N SER A 148 -8.47 -12.66 9.47
CA SER A 148 -7.42 -13.35 8.78
C SER A 148 -7.51 -13.06 7.27
N ALA A 149 -6.54 -12.32 6.75
CA ALA A 149 -6.36 -12.10 5.32
C ALA A 149 -6.16 -13.44 4.60
N LYS A 150 -5.68 -14.46 5.32
CA LYS A 150 -5.43 -15.78 4.76
C LYS A 150 -6.75 -16.50 4.51
N THR A 151 -7.62 -16.56 5.52
CA THR A 151 -8.85 -17.38 5.47
C THR A 151 -10.11 -16.54 5.22
N ARG A 152 -9.93 -15.21 5.15
CA ARG A 152 -10.98 -14.20 4.89
C ARG A 152 -11.86 -13.93 6.12
N GLN A 153 -11.62 -14.63 7.23
CA GLN A 153 -12.38 -14.41 8.45
C GLN A 153 -12.33 -12.93 8.81
N GLY A 154 -13.50 -12.32 9.03
CA GLY A 154 -13.65 -10.93 9.53
C GLY A 154 -13.32 -9.84 8.50
N VAL A 155 -12.93 -10.21 7.28
CA VAL A 155 -12.36 -9.22 6.36
C VAL A 155 -13.47 -8.25 5.91
N ASP A 156 -14.46 -8.79 5.20
CA ASP A 156 -15.70 -8.08 4.82
C ASP A 156 -16.26 -7.27 6.00
N ASP A 157 -16.35 -7.92 7.16
CA ASP A 157 -16.94 -7.37 8.36
C ASP A 157 -16.18 -6.12 8.83
N ALA A 158 -14.85 -6.13 8.67
CA ALA A 158 -13.98 -5.03 9.13
C ALA A 158 -14.21 -3.77 8.27
N PHE A 159 -14.26 -3.97 6.96
CA PHE A 159 -14.51 -2.90 6.01
C PHE A 159 -15.95 -2.35 6.18
N TYR A 160 -16.92 -3.27 6.24
CA TYR A 160 -18.34 -2.90 6.37
C TYR A 160 -18.54 -2.12 7.67
N THR A 161 -17.91 -2.60 8.74
CA THR A 161 -18.02 -1.98 10.03
C THR A 161 -17.47 -0.56 9.93
N LEU A 162 -16.38 -0.38 9.20
CA LEU A 162 -15.78 0.96 9.07
C LEU A 162 -16.74 1.91 8.33
N VAL A 163 -17.42 1.40 7.31
CA VAL A 163 -18.39 2.18 6.56
C VAL A 163 -19.52 2.59 7.51
N ARG A 164 -19.99 1.65 8.34
CA ARG A 164 -21.03 1.95 9.32
C ARG A 164 -20.54 3.09 10.23
N GLU A 165 -19.25 3.04 10.60
CA GLU A 165 -18.67 4.08 11.47
C GLU A 165 -18.69 5.44 10.77
N ILE A 166 -18.37 5.47 9.48
CA ILE A 166 -18.36 6.74 8.73
C ILE A 166 -19.79 7.31 8.66
N ARG A 167 -20.79 6.43 8.45
CA ARG A 167 -22.19 6.84 8.43
C ARG A 167 -22.57 7.50 9.77
N LYS A 168 -22.19 6.88 10.89
CA LYS A 168 -22.51 7.39 12.23
C LYS A 168 -22.13 8.88 12.38
N HIS A 169 -21.17 9.37 11.60
CA HIS A 169 -20.70 10.77 11.67
C HIS A 169 -21.23 11.54 10.45
N ASN B 4 7.30 7.16 -27.04
CA ASN B 4 7.36 6.32 -25.80
C ASN B 4 8.45 5.26 -25.93
N SER B 5 8.77 4.81 -27.15
CA SER B 5 9.93 3.94 -27.35
C SER B 5 11.21 4.70 -26.92
N LEU B 6 11.19 6.03 -27.09
CA LEU B 6 12.24 6.97 -26.64
C LEU B 6 12.31 6.98 -25.12
N GLU B 7 11.17 7.24 -24.48
CA GLU B 7 10.99 7.29 -23.02
C GLU B 7 11.59 6.03 -22.39
N ILE B 8 11.26 4.88 -23.00
CA ILE B 8 11.65 3.58 -22.53
C ILE B 8 13.16 3.44 -22.70
N GLU B 9 13.66 3.87 -23.86
CA GLU B 9 15.07 3.86 -24.15
C GLU B 9 15.81 4.75 -23.14
N GLU B 10 15.24 5.91 -22.83
CA GLU B 10 15.87 6.83 -21.88
C GLU B 10 15.95 6.20 -20.49
N LEU B 11 14.90 5.48 -20.08
CA LEU B 11 14.90 4.80 -18.76
C LEU B 11 15.89 3.64 -18.73
N ALA B 12 16.03 2.92 -19.85
CA ALA B 12 17.02 1.81 -19.98
C ALA B 12 18.46 2.34 -19.86
N ARG B 13 18.72 3.47 -20.51
CA ARG B 13 20.03 4.12 -20.44
C ARG B 13 20.29 4.52 -18.99
N PHE B 14 19.27 5.11 -18.35
CA PHE B 14 19.33 5.50 -16.96
C PHE B 14 19.64 4.26 -16.10
N ALA B 15 18.98 3.13 -16.38
CA ALA B 15 19.23 1.92 -15.59
C ALA B 15 20.71 1.50 -15.69
N VAL B 16 21.30 1.52 -16.89
CA VAL B 16 22.68 1.09 -17.11
C VAL B 16 23.60 2.05 -16.35
N ASP B 17 23.35 3.36 -16.50
CA ASP B 17 24.12 4.39 -15.85
C ASP B 17 24.12 4.18 -14.33
N GLU B 18 22.94 4.02 -13.74
CA GLU B 18 22.78 3.82 -12.31
C GLU B 18 23.43 2.50 -11.89
N HIS B 19 23.32 1.46 -12.71
CA HIS B 19 24.04 0.23 -12.42
C HIS B 19 25.56 0.48 -12.38
N ASN B 20 26.09 1.24 -13.35
CA ASN B 20 27.55 1.48 -13.40
C ASN B 20 27.98 2.25 -12.14
N LYS B 21 27.14 3.19 -11.68
CA LYS B 21 27.49 4.08 -10.57
C LYS B 21 27.31 3.34 -9.25
N LYS B 22 26.22 2.58 -9.09
CA LYS B 22 25.91 2.04 -7.77
C LYS B 22 26.35 0.58 -7.61
N GLU B 23 26.72 -0.11 -8.69
CA GLU B 23 27.08 -1.50 -8.61
C GLU B 23 28.47 -1.71 -9.24
N ASN B 24 29.26 -0.63 -9.30
CA ASN B 24 30.69 -0.60 -9.68
C ASN B 24 30.92 -1.43 -10.95
N ALA B 25 30.36 -0.94 -12.04
CA ALA B 25 30.41 -1.59 -13.33
C ALA B 25 30.69 -0.54 -14.40
N LEU B 26 30.81 -1.00 -15.65
CA LEU B 26 31.10 -0.16 -16.80
C LEU B 26 30.47 -0.80 -18.06
N LEU B 27 29.16 -1.04 -17.98
CA LEU B 27 28.45 -1.60 -19.09
C LEU B 27 28.10 -0.48 -20.05
N GLU B 28 28.10 -0.82 -21.34
CA GLU B 28 27.79 0.11 -22.39
C GLU B 28 26.45 -0.28 -23.03
N PHE B 29 25.47 0.62 -22.90
CA PHE B 29 24.13 0.37 -23.34
C PHE B 29 24.12 0.19 -24.86
N VAL B 30 23.46 -0.86 -25.34
CA VAL B 30 23.24 -1.03 -26.76
C VAL B 30 21.78 -0.66 -27.06
N ARG B 31 20.83 -1.40 -26.49
CA ARG B 31 19.44 -1.24 -26.89
C ARG B 31 18.49 -1.94 -25.90
N VAL B 32 17.23 -1.50 -25.92
CA VAL B 32 16.10 -2.12 -25.21
C VAL B 32 15.61 -3.31 -26.02
N VAL B 33 15.44 -4.47 -25.37
CA VAL B 33 14.99 -5.71 -26.01
C VAL B 33 13.49 -5.90 -25.76
N LYS B 34 13.04 -5.63 -24.54
CA LYS B 34 11.61 -5.58 -24.27
C LYS B 34 11.35 -4.81 -22.97
N ALA B 35 10.11 -4.32 -22.85
CA ALA B 35 9.68 -3.55 -21.71
C ALA B 35 8.28 -4.02 -21.29
N LYS B 36 8.10 -4.23 -19.98
CA LYS B 36 6.76 -4.31 -19.41
C LYS B 36 6.69 -3.28 -18.27
N GLU B 37 5.46 -2.92 -17.93
CA GLU B 37 5.08 -1.72 -17.25
C GLU B 37 3.99 -2.13 -16.25
N GLN B 38 4.12 -1.77 -14.98
CA GLN B 38 3.09 -2.03 -13.98
C GLN B 38 2.79 -0.70 -13.30
N HIS B 39 1.49 -0.38 -13.18
CA HIS B 39 0.98 0.93 -12.77
C HIS B 39 0.35 0.87 -11.37
N PHE B 40 0.55 1.94 -10.60
CA PHE B 40 0.05 2.05 -9.28
C PHE B 40 -0.44 3.47 -9.10
N THR B 41 -1.64 3.62 -8.52
CA THR B 41 -2.22 4.92 -8.32
C THR B 41 -2.66 5.10 -6.87
N PRO B 42 -1.73 5.11 -5.89
CA PRO B 42 -2.12 5.57 -4.55
C PRO B 42 -2.52 7.05 -4.70
N TRP B 43 -3.29 7.57 -3.75
CA TRP B 43 -3.90 8.89 -3.91
C TRP B 43 -2.83 9.95 -4.19
N PHE B 44 -3.09 10.76 -5.21
CA PHE B 44 -2.30 11.87 -5.65
C PHE B 44 -1.02 11.39 -6.36
N GLN B 45 -1.02 10.15 -6.85
CA GLN B 45 0.13 9.63 -7.56
C GLN B 45 -0.28 8.83 -8.79
N ARG B 46 0.65 8.82 -9.75
CA ARG B 46 0.67 7.96 -10.89
C ARG B 46 2.08 7.36 -10.98
N ASN B 47 2.23 6.16 -10.40
CA ASN B 47 3.53 5.50 -10.24
C ASN B 47 3.62 4.35 -11.24
N THR B 48 4.85 4.02 -11.65
CA THR B 48 5.10 2.94 -12.63
C THR B 48 6.40 2.21 -12.29
N MET B 49 6.30 0.89 -12.16
CA MET B 49 7.45 0.01 -12.18
C MET B 49 7.67 -0.48 -13.61
N TYR B 50 8.87 -0.21 -14.15
CA TYR B 50 9.28 -0.72 -15.45
C TYR B 50 10.23 -1.92 -15.30
N TYR B 51 9.92 -2.97 -16.07
CA TYR B 51 10.71 -4.16 -16.23
C TYR B 51 11.29 -4.15 -17.64
N LEU B 52 12.58 -3.82 -17.76
CA LEU B 52 13.22 -3.65 -19.03
C LEU B 52 14.25 -4.78 -19.22
N THR B 53 14.15 -5.47 -20.35
CA THR B 53 15.21 -6.35 -20.80
C THR B 53 16.05 -5.57 -21.81
N LEU B 54 17.35 -5.49 -21.58
CA LEU B 54 18.19 -4.63 -22.42
C LEU B 54 19.51 -5.34 -22.74
N GLU B 55 20.12 -4.88 -23.83
CA GLU B 55 21.38 -5.41 -24.25
C GLU B 55 22.44 -4.34 -23.99
N ALA B 56 23.53 -4.76 -23.37
CA ALA B 56 24.67 -3.91 -23.07
C ALA B 56 25.97 -4.71 -23.25
N LYS B 57 27.04 -3.99 -23.60
CA LYS B 57 28.37 -4.58 -23.77
C LYS B 57 29.13 -4.53 -22.46
N ASP B 58 29.56 -5.72 -22.04
CA ASP B 58 30.42 -5.97 -20.91
C ASP B 58 31.82 -6.32 -21.44
N GLY B 59 32.82 -5.46 -21.21
CA GLY B 59 34.13 -5.66 -21.79
C GLY B 59 34.04 -6.10 -23.24
N GLY B 60 33.26 -5.37 -24.04
CA GLY B 60 33.16 -5.60 -25.49
C GLY B 60 32.06 -6.57 -25.93
N LYS B 61 31.60 -7.49 -25.07
CA LYS B 61 30.65 -8.57 -25.48
C LYS B 61 29.20 -8.21 -25.08
N LYS B 62 28.33 -8.24 -26.09
CA LYS B 62 26.89 -8.05 -25.94
C LYS B 62 26.31 -9.12 -25.01
N LYS B 63 25.64 -8.69 -23.93
CA LYS B 63 24.91 -9.55 -23.01
C LYS B 63 23.52 -8.96 -22.68
N LEU B 64 22.65 -9.79 -22.12
CA LEU B 64 21.26 -9.41 -21.83
C LEU B 64 21.11 -9.12 -20.35
N TYR B 65 20.37 -8.06 -20.02
CA TYR B 65 20.14 -7.72 -18.64
C TYR B 65 18.67 -7.38 -18.39
N GLU B 66 18.24 -7.70 -17.16
CA GLU B 66 16.90 -7.35 -16.68
C GLU B 66 17.06 -6.24 -15.65
N ALA B 67 16.49 -5.06 -15.94
CA ALA B 67 16.49 -3.95 -15.04
C ALA B 67 15.04 -3.62 -14.62
N LYS B 68 14.88 -3.29 -13.33
CA LYS B 68 13.68 -2.78 -12.74
C LYS B 68 13.91 -1.34 -12.34
N VAL B 69 13.07 -0.43 -12.86
CA VAL B 69 13.14 0.99 -12.59
C VAL B 69 11.78 1.49 -12.06
N TRP B 70 11.82 2.25 -10.98
CA TRP B 70 10.66 2.75 -10.27
C TRP B 70 10.51 4.24 -10.57
N VAL B 71 9.35 4.65 -11.10
CA VAL B 71 9.04 6.04 -11.35
C VAL B 71 7.80 6.39 -10.51
N LYS B 72 8.00 7.37 -9.63
CA LYS B 72 6.99 7.88 -8.77
C LYS B 72 6.71 9.32 -9.23
N ARG B 73 5.42 9.61 -9.46
CA ARG B 73 4.97 10.97 -9.80
C ARG B 73 3.85 11.36 -8.84
N ILE B 74 4.10 12.39 -8.01
CA ILE B 74 3.29 12.75 -6.88
C ILE B 74 2.86 14.20 -7.07
N MET B 75 1.59 14.49 -6.76
CA MET B 75 1.14 15.86 -6.67
C MET B 75 1.24 16.31 -5.22
N VAL B 76 2.21 17.20 -4.99
CA VAL B 76 2.45 17.92 -3.75
C VAL B 76 1.97 19.37 -3.96
N THR B 77 1.13 19.88 -3.06
CA THR B 77 0.40 21.13 -3.31
C THR B 77 -0.43 20.93 -4.59
N ASP B 78 0.00 21.63 -5.65
CA ASP B 78 -0.60 21.59 -6.94
C ASP B 78 0.52 21.48 -7.98
N LYS B 79 1.65 20.89 -7.57
CA LYS B 79 2.83 20.72 -8.41
C LYS B 79 3.22 19.24 -8.47
N MET B 80 3.38 18.73 -9.68
CA MET B 80 3.86 17.39 -9.91
C MET B 80 5.36 17.30 -9.53
N ARG B 81 5.70 16.36 -8.64
CA ARG B 81 7.09 16.00 -8.31
C ARG B 81 7.34 14.60 -8.85
N ASN B 82 8.38 14.46 -9.70
CA ASN B 82 8.76 13.22 -10.36
C ASN B 82 10.07 12.71 -9.76
N PHE B 83 10.16 11.38 -9.65
CA PHE B 83 11.29 10.71 -9.03
C PHE B 83 11.50 9.37 -9.74
N LYS B 84 12.75 9.02 -10.03
CA LYS B 84 13.12 7.74 -10.66
C LYS B 84 14.28 7.10 -9.88
N GLU B 85 14.26 5.77 -9.81
CA GLU B 85 15.21 5.04 -9.01
C GLU B 85 15.34 3.62 -9.58
N LEU B 86 16.59 3.19 -9.84
CA LEU B 86 16.89 1.81 -10.21
C LEU B 86 16.59 0.92 -9.01
N GLN B 87 15.81 -0.14 -9.19
CA GLN B 87 15.49 -1.07 -8.10
C GLN B 87 16.41 -2.30 -8.08
N GLU B 88 16.75 -2.79 -9.27
CA GLU B 88 17.53 -3.98 -9.48
C GLU B 88 18.05 -4.02 -10.90
N PHE B 89 19.17 -4.71 -11.06
CA PHE B 89 19.77 -4.88 -12.33
C PHE B 89 20.54 -6.21 -12.27
N LYS B 90 20.16 -7.18 -13.09
CA LYS B 90 20.89 -8.42 -13.08
C LYS B 90 20.97 -9.02 -14.49
N PRO B 91 21.99 -9.87 -14.72
CA PRO B 91 22.16 -10.52 -16.01
C PRO B 91 21.14 -11.65 -16.10
N VAL B 92 20.64 -11.89 -17.32
CA VAL B 92 19.66 -12.93 -17.60
C VAL B 92 20.28 -14.33 -17.34
PB GDP C . 1.72 -5.16 5.10
O1B GDP C . 3.20 -4.87 5.27
O2B GDP C . 0.92 -4.62 6.28
O3B GDP C . 1.11 -4.73 3.79
O3A GDP C . 1.68 -6.77 5.20
PA GDP C . 1.42 -7.82 4.03
O1A GDP C . 2.49 -7.64 2.98
O2A GDP C . -0.03 -7.72 3.64
O5' GDP C . 1.62 -9.24 4.75
C5' GDP C . 2.74 -9.45 5.66
C4' GDP C . 3.13 -10.92 5.73
O4' GDP C . 2.24 -11.59 6.62
C3' GDP C . 2.99 -11.61 4.37
O3' GDP C . 3.96 -12.63 4.15
C2' GDP C . 1.59 -12.20 4.46
O2' GDP C . 1.43 -13.35 3.66
C1' GDP C . 1.40 -12.51 5.93
N9 GDP C . 0.01 -12.29 6.35
C8 GDP C . -0.75 -11.17 6.18
N7 GDP C . -1.99 -11.33 6.69
C5 GDP C . -2.03 -12.57 7.17
C6 GDP C . -3.02 -13.43 7.85
O6 GDP C . -4.15 -13.00 8.11
N1 GDP C . -2.68 -14.68 8.21
C2 GDP C . -1.45 -15.18 7.96
N2 GDP C . -1.16 -16.46 8.34
N3 GDP C . -0.50 -14.46 7.34
C4 GDP C . -0.72 -13.21 6.95
MG MG D . 1.62 -3.52 2.10
#